data_3C5E
#
_entry.id   3C5E
#
_cell.length_a   56.700
_cell.length_b   98.073
_cell.length_c   120.263
_cell.angle_alpha   90.00
_cell.angle_beta   90.00
_cell.angle_gamma   90.00
#
_symmetry.space_group_name_H-M   'P 21 21 21'
#
loop_
_entity.id
_entity.type
_entity.pdbx_description
1 polymer 'Acyl-coenzyme A synthetase ACSM2A, mitochondrial precursor'
2 non-polymer 'MAGNESIUM ION'
3 non-polymer 'CHLORIDE ION'
4 non-polymer 'UNKNOWN LIGAND'
5 non-polymer "ADENOSINE-5'-TRIPHOSPHATE"
6 non-polymer 2-AMINO-2-HYDROXYMETHYL-PROPANE-1,3-DIOL
7 non-polymer GLYCEROL
8 water water
#
_entity_poly.entity_id   1
_entity_poly.type   'polypeptide(L)'
_entity_poly.pdbx_seq_one_letter_code
;MGHHHHHHSSGVDLGTENLYFQSMSLQWGHQEVPAKFNFASDVLDHWADMEKAGKRPPSPALWWVNGKGKELMWNFRELS
ENSQQAANVLSGACGLQRGDRVAVVLPRVPEWWLVILGCIRAGLIFMPGTIQMKSTDILYRLQMSKAKAIVAGDEVIQEV
DTVASECPSLRIKLLVSEKSCDGWLNFKKLLNEASTTHHCVETGSQEASAIYFTSGTSGLPKMAEHSYSSLGLKAKMDAG
WTGLQASDIMWTISDTGWILNILCSLMEPWALGACTFVHLLPKFDPLVILKTLSSYPIKSMMGAPIVYRMLLQQDLSSYK
FPHLQNCVTVGESLLPETLENWRAQTGLDIRESYGQTETGLTCMVSKTMKIKPGYMGTAASCYDVQIIDDKGNVLPPGTE
GDIGIRVKPIRPIGIFSGYVDNPDKTAANIRGDFWLLGDRGIKDEDGYFQFMGRADDIINSSGYRIGPSEVENALMEHPA
VVETAVISSPDPVRGEVVKAFVVLASQFLSHDPEQLTKELQQHVKSVTAPYKYPRKIEFVLNLPKTVTGKIQRAKLRDKE
WKMSGKARAQ
;
_entity_poly.pdbx_strand_id   A
#
loop_
_chem_comp.id
_chem_comp.type
_chem_comp.name
_chem_comp.formula
ATP non-polymer ADENOSINE-5'-TRIPHOSPHATE 'C10 H16 N5 O13 P3'
CL non-polymer 'CHLORIDE ION' 'Cl -1'
GOL non-polymer GLYCEROL 'C3 H8 O3'
MG non-polymer 'MAGNESIUM ION' 'Mg 2'
TRS non-polymer 2-AMINO-2-HYDROXYMETHYL-PROPANE-1,3-DIOL 'C4 H12 N O3 1'
UNL non-polymer 'UNKNOWN LIGAND' ?
#
# COMPACT_ATOMS: atom_id res chain seq x y z
N GLN A 27 17.38 10.69 17.35
CA GLN A 27 16.50 9.89 18.25
C GLN A 27 16.54 8.39 17.95
N TRP A 28 17.19 8.00 16.84
CA TRP A 28 17.08 6.64 16.28
C TRP A 28 18.14 6.27 15.22
N GLY A 29 19.41 6.30 15.63
CA GLY A 29 20.49 5.84 14.78
C GLY A 29 20.82 6.76 13.62
N HIS A 30 22.02 6.56 13.10
CA HIS A 30 22.48 7.22 11.89
C HIS A 30 22.42 6.19 10.75
N GLN A 31 22.49 6.68 9.51
CA GLN A 31 22.47 5.81 8.36
C GLN A 31 23.83 5.65 7.71
N GLU A 32 23.98 4.52 7.04
CA GLU A 32 25.14 4.24 6.20
C GLU A 32 24.70 4.25 4.75
N VAL A 33 24.77 5.41 4.11
CA VAL A 33 24.30 5.56 2.74
C VAL A 33 25.25 6.46 1.96
N PRO A 34 25.24 6.36 0.61
CA PRO A 34 25.93 7.39 -0.16
C PRO A 34 25.37 8.79 0.17
N ALA A 35 26.18 9.83 0.03
CA ALA A 35 25.71 11.19 0.27
C ALA A 35 24.50 11.55 -0.64
N LYS A 36 24.58 11.10 -1.89
CA LYS A 36 23.64 11.45 -2.92
C LYS A 36 22.99 10.20 -3.49
N PHE A 37 21.72 10.34 -3.84
CA PHE A 37 21.01 9.26 -4.51
C PHE A 37 19.78 9.82 -5.20
N ASN A 38 19.49 9.29 -6.38
CA ASN A 38 18.30 9.69 -7.14
C ASN A 38 17.86 8.53 -8.04
N PHE A 39 16.66 8.01 -7.83
CA PHE A 39 16.28 6.83 -8.61
C PHE A 39 16.33 7.08 -10.12
N ALA A 40 15.99 8.31 -10.56
CA ALA A 40 15.93 8.59 -12.03
C ALA A 40 17.32 8.54 -12.62
N SER A 41 18.26 9.26 -12.01
CA SER A 41 19.60 9.33 -12.58
C SER A 41 20.40 8.08 -12.30
N ASP A 42 20.24 7.50 -11.11
CA ASP A 42 21.10 6.37 -10.65
C ASP A 42 20.60 5.00 -11.05
N VAL A 43 19.35 4.91 -11.46
CA VAL A 43 18.74 3.60 -11.78
C VAL A 43 18.09 3.63 -13.17
N LEU A 44 17.03 4.42 -13.36
CA LEU A 44 16.34 4.43 -14.62
C LEU A 44 17.25 4.83 -15.82
N ASP A 45 18.03 5.91 -15.68
CA ASP A 45 18.84 6.41 -16.79
C ASP A 45 19.98 5.45 -17.18
N HIS A 46 20.37 4.54 -16.29
CA HIS A 46 21.27 3.43 -16.69
C HIS A 46 20.70 2.61 -17.85
N TRP A 47 19.44 2.20 -17.70
CA TRP A 47 18.78 1.41 -18.73
C TRP A 47 18.61 2.16 -20.08
N ALA A 48 18.32 3.45 -20.04
CA ALA A 48 18.20 4.28 -21.23
C ALA A 48 19.56 4.41 -21.92
N ASP A 49 20.57 4.64 -21.10
CA ASP A 49 21.95 4.69 -21.59
C ASP A 49 22.37 3.38 -22.26
N MET A 50 22.00 2.22 -21.71
CA MET A 50 22.35 0.94 -22.36
CA MET A 50 22.34 0.95 -22.37
C MET A 50 21.74 0.86 -23.76
N GLU A 51 20.47 1.32 -23.89
CA GLU A 51 19.80 1.28 -25.19
C GLU A 51 20.50 2.24 -26.16
N LYS A 52 20.75 3.47 -25.71
CA LYS A 52 21.40 4.47 -26.52
C LYS A 52 22.78 4.00 -27.00
N ALA A 53 23.49 3.29 -26.14
CA ALA A 53 24.85 2.81 -26.43
C ALA A 53 24.89 1.51 -27.27
N GLY A 54 23.74 0.94 -27.58
CA GLY A 54 23.63 -0.31 -28.32
C GLY A 54 24.02 -1.55 -27.51
N LYS A 55 24.11 -1.42 -26.18
CA LYS A 55 24.47 -2.53 -25.30
C LYS A 55 23.27 -3.38 -24.87
N ARG A 56 22.06 -2.86 -25.05
CA ARG A 56 20.87 -3.63 -24.81
C ARG A 56 19.89 -3.24 -25.91
N PRO A 57 19.12 -4.20 -26.43
CA PRO A 57 18.10 -3.81 -27.40
C PRO A 57 17.07 -2.88 -26.75
N PRO A 58 16.34 -2.08 -27.54
CA PRO A 58 15.25 -1.29 -26.95
C PRO A 58 14.27 -2.21 -26.21
N SER A 59 14.06 -1.95 -24.93
CA SER A 59 13.32 -2.86 -24.09
C SER A 59 12.10 -2.17 -23.48
N PRO A 60 10.94 -2.84 -23.46
CA PRO A 60 9.73 -2.26 -22.92
C PRO A 60 9.92 -1.95 -21.45
N ALA A 61 9.51 -0.77 -21.05
CA ALA A 61 9.57 -0.34 -19.66
C ALA A 61 8.19 -0.18 -19.08
N LEU A 62 7.29 0.41 -19.87
CA LEU A 62 5.92 0.69 -19.39
C LEU A 62 4.97 0.30 -20.50
N TRP A 63 4.08 -0.63 -20.20
CA TRP A 63 3.05 -1.04 -21.16
C TRP A 63 1.70 -0.82 -20.49
N TRP A 64 0.93 0.08 -21.08
CA TRP A 64 -0.34 0.56 -20.51
C TRP A 64 -1.43 0.17 -21.48
N VAL A 65 -2.53 -0.31 -20.92
CA VAL A 65 -3.75 -0.66 -21.68
C VAL A 65 -4.99 -0.10 -20.96
N ASN A 66 -6.04 0.28 -21.71
CA ASN A 66 -7.26 0.78 -21.03
C ASN A 66 -8.41 -0.22 -20.96
N GLY A 67 -8.24 -1.37 -21.62
CA GLY A 67 -9.23 -2.42 -21.70
C GLY A 67 -10.37 -2.11 -22.67
N LYS A 68 -10.21 -1.07 -23.51
CA LYS A 68 -11.18 -0.70 -24.56
C LYS A 68 -10.53 -0.58 -25.94
N GLY A 69 -9.29 -1.02 -26.06
CA GLY A 69 -8.57 -1.05 -27.35
C GLY A 69 -7.39 -0.11 -27.51
N LYS A 70 -7.14 0.76 -26.52
CA LYS A 70 -6.01 1.67 -26.57
C LYS A 70 -4.88 0.98 -25.74
N GLU A 71 -3.67 1.01 -26.27
CA GLU A 71 -2.44 0.60 -25.60
C GLU A 71 -1.29 1.56 -25.94
N LEU A 72 -0.36 1.68 -24.99
CA LEU A 72 0.79 2.55 -25.17
C LEU A 72 1.97 1.84 -24.56
N MET A 73 3.13 1.93 -25.18
CA MET A 73 4.34 1.35 -24.61
C MET A 73 5.53 2.30 -24.84
N TRP A 74 6.32 2.45 -23.78
CA TRP A 74 7.59 3.19 -23.76
C TRP A 74 8.74 2.21 -23.52
N ASN A 75 9.82 2.31 -24.31
CA ASN A 75 11.06 1.64 -23.94
C ASN A 75 11.82 2.55 -22.96
N PHE A 76 12.97 2.09 -22.45
CA PHE A 76 13.64 2.87 -21.41
C PHE A 76 14.15 4.25 -21.90
N ARG A 77 14.64 4.30 -23.14
CA ARG A 77 15.05 5.55 -23.71
C ARG A 77 13.86 6.52 -23.77
N GLU A 78 12.74 6.07 -24.30
CA GLU A 78 11.55 6.91 -24.40
C GLU A 78 11.02 7.34 -23.04
N LEU A 79 11.02 6.40 -22.10
CA LEU A 79 10.62 6.73 -20.73
C LEU A 79 11.52 7.79 -20.10
N SER A 80 12.80 7.64 -20.27
CA SER A 80 13.75 8.63 -19.78
C SER A 80 13.47 9.98 -20.43
N GLU A 81 13.41 10.05 -21.75
CA GLU A 81 13.17 11.29 -22.50
C GLU A 81 11.85 11.97 -22.12
N ASN A 82 10.77 11.18 -22.07
CA ASN A 82 9.42 11.75 -21.81
CA ASN A 82 9.45 11.76 -21.78
C ASN A 82 9.35 12.22 -20.34
N SER A 83 10.04 11.53 -19.42
CA SER A 83 10.09 11.92 -17.98
C SER A 83 10.96 13.19 -17.78
N GLN A 84 11.94 13.38 -18.66
CA GLN A 84 12.75 14.62 -18.66
C GLN A 84 11.87 15.78 -19.14
N GLN A 85 11.04 15.53 -20.17
CA GLN A 85 10.01 16.52 -20.57
C GLN A 85 9.11 16.84 -19.39
N ALA A 86 8.64 15.82 -18.66
CA ALA A 86 7.79 16.08 -17.49
C ALA A 86 8.50 16.92 -16.43
N ALA A 87 9.77 16.62 -16.15
CA ALA A 87 10.55 17.41 -15.22
C ALA A 87 10.66 18.88 -15.66
N ASN A 88 10.81 19.10 -16.97
CA ASN A 88 10.86 20.46 -17.52
C ASN A 88 9.56 21.18 -17.39
N VAL A 89 8.48 20.43 -17.60
CA VAL A 89 7.16 21.04 -17.36
C VAL A 89 7.01 21.52 -15.92
N LEU A 90 7.41 20.66 -14.97
CA LEU A 90 7.18 20.96 -13.58
C LEU A 90 8.07 22.13 -13.09
N SER A 91 9.34 22.10 -13.49
CA SER A 91 10.34 23.08 -13.03
C SER A 91 10.29 24.34 -13.86
N GLY A 92 9.94 24.22 -15.13
CA GLY A 92 9.91 25.35 -16.06
C GLY A 92 8.55 26.00 -16.05
N ALA A 93 7.63 25.41 -16.81
CA ALA A 93 6.33 25.98 -17.00
C ALA A 93 5.56 26.21 -15.68
N CYS A 94 5.72 25.29 -14.72
CA CYS A 94 4.99 25.40 -13.45
C CYS A 94 5.80 26.19 -12.41
N GLY A 95 7.09 26.42 -12.69
CA GLY A 95 7.95 27.19 -11.80
C GLY A 95 8.18 26.56 -10.44
N LEU A 96 8.08 25.25 -10.37
CA LEU A 96 8.22 24.58 -9.07
C LEU A 96 9.69 24.45 -8.75
N GLN A 97 10.03 24.74 -7.49
CA GLN A 97 11.41 24.76 -7.04
C GLN A 97 11.73 23.53 -6.20
N ARG A 98 13.01 23.21 -6.16
CA ARG A 98 13.50 22.12 -5.35
C ARG A 98 12.91 22.17 -3.98
N GLY A 99 12.35 21.05 -3.53
CA GLY A 99 11.69 20.96 -2.22
C GLY A 99 10.19 21.25 -2.17
N ASP A 100 9.66 21.78 -3.26
CA ASP A 100 8.24 22.13 -3.30
C ASP A 100 7.41 20.81 -3.31
N ARG A 101 6.27 20.88 -2.65
CA ARG A 101 5.35 19.73 -2.45
C ARG A 101 4.29 19.70 -3.54
N VAL A 102 4.16 18.52 -4.19
CA VAL A 102 3.28 18.35 -5.32
C VAL A 102 2.31 17.22 -5.04
N ALA A 103 1.02 17.55 -4.82
CA ALA A 103 -0.02 16.50 -4.68
C ALA A 103 -0.28 15.88 -6.08
N VAL A 104 -0.45 14.55 -6.11
CA VAL A 104 -0.69 13.83 -7.37
C VAL A 104 -1.94 12.97 -7.12
N VAL A 105 -3.02 13.23 -7.86
CA VAL A 105 -4.31 12.51 -7.66
C VAL A 105 -4.80 12.10 -9.06
N LEU A 106 -4.23 10.97 -9.55
CA LEU A 106 -4.51 10.50 -10.92
C LEU A 106 -4.99 9.01 -10.87
N PRO A 107 -5.76 8.59 -11.90
CA PRO A 107 -6.10 7.21 -12.11
C PRO A 107 -4.88 6.46 -12.66
N ARG A 108 -5.08 5.18 -13.01
CA ARG A 108 -4.01 4.36 -13.54
C ARG A 108 -3.75 4.70 -15.00
N VAL A 109 -3.14 5.86 -15.21
CA VAL A 109 -2.77 6.36 -16.52
C VAL A 109 -1.28 6.57 -16.58
N PRO A 110 -0.67 6.46 -17.80
CA PRO A 110 0.79 6.48 -17.83
C PRO A 110 1.40 7.76 -17.27
N GLU A 111 0.63 8.87 -17.37
CA GLU A 111 1.11 10.16 -16.84
C GLU A 111 1.44 10.15 -15.35
N TRP A 112 0.82 9.26 -14.57
CA TRP A 112 1.20 9.15 -13.16
C TRP A 112 2.71 8.79 -13.06
N TRP A 113 3.13 7.78 -13.84
CA TRP A 113 4.52 7.29 -13.85
C TRP A 113 5.44 8.43 -14.33
N LEU A 114 5.03 9.12 -15.39
CA LEU A 114 5.82 10.26 -15.92
C LEU A 114 5.96 11.38 -14.92
N VAL A 115 4.87 11.77 -14.27
CA VAL A 115 4.89 12.90 -13.35
C VAL A 115 5.73 12.59 -12.13
N ILE A 116 5.55 11.41 -11.56
CA ILE A 116 6.37 11.00 -10.39
C ILE A 116 7.87 11.01 -10.74
N LEU A 117 8.25 10.42 -11.87
CA LEU A 117 9.63 10.49 -12.36
C LEU A 117 10.08 11.97 -12.55
N GLY A 118 9.19 12.79 -13.08
CA GLY A 118 9.46 14.24 -13.23
C GLY A 118 9.77 14.88 -11.93
N CYS A 119 8.95 14.56 -10.92
CA CYS A 119 9.22 15.06 -9.59
C CYS A 119 10.57 14.63 -9.04
N ILE A 120 10.89 13.35 -9.19
CA ILE A 120 12.18 12.82 -8.69
C ILE A 120 13.34 13.57 -9.39
N ARG A 121 13.26 13.76 -10.71
CA ARG A 121 14.30 14.45 -11.47
C ARG A 121 14.48 15.92 -11.03
N ALA A 122 13.35 16.59 -10.74
CA ALA A 122 13.32 18.01 -10.44
C ALA A 122 13.49 18.28 -8.93
N GLY A 123 13.61 17.22 -8.10
CA GLY A 123 13.83 17.44 -6.68
C GLY A 123 12.59 17.97 -5.97
N LEU A 124 11.42 17.59 -6.50
CA LEU A 124 10.13 17.95 -5.89
C LEU A 124 9.51 16.79 -5.08
N ILE A 125 8.83 17.13 -4.01
CA ILE A 125 8.28 16.10 -3.10
C ILE A 125 6.93 15.69 -3.65
N PHE A 126 6.79 14.42 -4.09
CA PHE A 126 5.50 13.98 -4.62
C PHE A 126 4.65 13.38 -3.53
N MET A 127 3.32 13.62 -3.61
CA MET A 127 2.38 13.28 -2.54
C MET A 127 1.16 12.66 -3.15
N PRO A 128 1.24 11.33 -3.40
CA PRO A 128 0.17 10.68 -4.16
C PRO A 128 -1.06 10.44 -3.26
N GLY A 129 -2.23 10.49 -3.88
CA GLY A 129 -3.47 10.13 -3.22
C GLY A 129 -4.43 9.52 -4.19
N THR A 130 -5.50 8.93 -3.66
CA THR A 130 -6.45 8.23 -4.49
C THR A 130 -7.54 9.12 -5.10
N ILE A 131 -7.88 8.84 -6.35
CA ILE A 131 -9.02 9.46 -7.01
C ILE A 131 -10.35 9.12 -6.32
N GLN A 132 -10.37 8.15 -5.40
CA GLN A 132 -11.59 7.77 -4.66
CA GLN A 132 -11.59 7.79 -4.68
C GLN A 132 -11.86 8.74 -3.51
N MET A 133 -10.95 9.71 -3.28
CA MET A 133 -11.18 10.74 -2.26
C MET A 133 -12.43 11.64 -2.52
N LYS A 134 -13.17 11.94 -1.45
CA LYS A 134 -14.19 12.98 -1.44
C LYS A 134 -13.54 14.36 -1.29
N SER A 135 -14.28 15.42 -1.58
CA SER A 135 -13.71 16.77 -1.56
C SER A 135 -13.17 17.11 -0.16
N THR A 136 -13.83 16.60 0.87
CA THR A 136 -13.37 16.83 2.25
CA THR A 136 -13.40 16.77 2.26
C THR A 136 -12.02 16.16 2.51
N ASP A 137 -11.82 14.99 1.95
CA ASP A 137 -10.53 14.29 2.03
C ASP A 137 -9.44 15.05 1.31
N ILE A 138 -9.73 15.47 0.09
CA ILE A 138 -8.77 16.26 -0.68
C ILE A 138 -8.39 17.54 0.05
N LEU A 139 -9.40 18.21 0.62
CA LEU A 139 -9.14 19.43 1.39
C LEU A 139 -8.19 19.18 2.56
N TYR A 140 -8.51 18.17 3.36
CA TYR A 140 -7.70 17.82 4.54
C TYR A 140 -6.24 17.60 4.13
N ARG A 141 -6.04 16.83 3.07
CA ARG A 141 -4.68 16.52 2.68
C ARG A 141 -3.95 17.73 2.06
N LEU A 142 -4.62 18.49 1.21
CA LEU A 142 -3.97 19.68 0.65
C LEU A 142 -3.60 20.70 1.75
N GLN A 143 -4.46 20.83 2.75
CA GLN A 143 -4.23 21.79 3.84
C GLN A 143 -3.10 21.29 4.73
N MET A 144 -3.18 20.02 5.12
CA MET A 144 -2.25 19.48 6.08
C MET A 144 -0.86 19.43 5.45
N SER A 145 -0.86 19.06 4.18
CA SER A 145 0.38 18.91 3.45
C SER A 145 0.96 20.24 2.91
N LYS A 146 0.17 21.30 2.87
CA LYS A 146 0.63 22.56 2.33
C LYS A 146 1.14 22.39 0.87
N ALA A 147 0.42 21.58 0.11
CA ALA A 147 0.77 21.33 -1.27
C ALA A 147 0.85 22.68 -2.02
N LYS A 148 1.92 22.86 -2.78
CA LYS A 148 1.99 24.03 -3.69
C LYS A 148 1.42 23.78 -5.08
N ALA A 149 1.25 22.53 -5.43
CA ALA A 149 0.72 22.11 -6.73
C ALA A 149 -0.11 20.87 -6.55
N ILE A 150 -1.06 20.73 -7.46
CA ILE A 150 -1.84 19.53 -7.61
C ILE A 150 -1.87 19.12 -9.07
N VAL A 151 -1.61 17.82 -9.28
CA VAL A 151 -1.68 17.17 -10.57
C VAL A 151 -2.87 16.22 -10.55
N ALA A 152 -3.84 16.48 -11.42
CA ALA A 152 -5.07 15.74 -11.43
C ALA A 152 -5.67 15.53 -12.82
N GLY A 153 -6.61 14.60 -12.90
CA GLY A 153 -7.32 14.28 -14.11
C GLY A 153 -8.72 14.87 -14.09
N ASP A 154 -9.41 14.73 -15.22
CA ASP A 154 -10.62 15.54 -15.36
C ASP A 154 -11.78 15.04 -14.47
N GLU A 155 -11.64 13.82 -13.93
CA GLU A 155 -12.69 13.24 -13.05
CA GLU A 155 -12.68 13.25 -13.06
C GLU A 155 -12.63 13.79 -11.62
N VAL A 156 -11.52 14.47 -11.25
CA VAL A 156 -11.44 15.08 -9.89
C VAL A 156 -11.30 16.62 -9.87
N ILE A 157 -11.17 17.28 -11.02
CA ILE A 157 -11.00 18.72 -11.01
C ILE A 157 -12.19 19.47 -10.43
N GLN A 158 -13.41 18.96 -10.66
CA GLN A 158 -14.56 19.65 -10.07
C GLN A 158 -14.46 19.64 -8.52
N GLU A 159 -14.10 18.50 -7.92
CA GLU A 159 -13.90 18.41 -6.45
C GLU A 159 -12.83 19.36 -5.97
N VAL A 160 -11.72 19.37 -6.71
CA VAL A 160 -10.60 20.21 -6.34
C VAL A 160 -11.01 21.69 -6.36
N ASP A 161 -11.75 22.06 -7.41
CA ASP A 161 -12.12 23.45 -7.61
C ASP A 161 -13.17 23.92 -6.57
N THR A 162 -13.88 23.01 -5.91
CA THR A 162 -14.77 23.42 -4.83
C THR A 162 -14.00 23.78 -3.57
N VAL A 163 -12.77 23.27 -3.39
CA VAL A 163 -12.02 23.44 -2.13
C VAL A 163 -10.73 24.26 -2.31
N ALA A 164 -10.31 24.53 -3.55
CA ALA A 164 -8.98 25.11 -3.81
C ALA A 164 -8.78 26.46 -3.12
N SER A 165 -9.83 27.28 -3.07
CA SER A 165 -9.69 28.63 -2.45
C SER A 165 -9.38 28.58 -0.95
N GLU A 166 -9.60 27.45 -0.32
CA GLU A 166 -9.31 27.25 1.09
C GLU A 166 -7.89 26.71 1.37
N CYS A 167 -7.06 26.61 0.32
CA CYS A 167 -5.72 26.02 0.39
C CYS A 167 -4.74 27.13 0.02
N PRO A 168 -4.31 27.93 1.02
CA PRO A 168 -3.53 29.11 0.69
C PRO A 168 -2.14 28.84 0.09
N SER A 169 -1.54 27.66 0.30
CA SER A 169 -0.26 27.34 -0.34
C SER A 169 -0.39 26.93 -1.81
N LEU A 170 -1.60 26.56 -2.22
CA LEU A 170 -1.82 25.98 -3.55
C LEU A 170 -1.76 27.03 -4.63
N ARG A 171 -0.75 26.92 -5.47
CA ARG A 171 -0.49 27.86 -6.54
C ARG A 171 -0.64 27.33 -7.95
N ILE A 172 -0.39 26.04 -8.15
CA ILE A 172 -0.40 25.45 -9.47
C ILE A 172 -1.40 24.31 -9.52
N LYS A 173 -2.25 24.30 -10.56
CA LYS A 173 -3.20 23.21 -10.83
C LYS A 173 -2.86 22.73 -12.22
N LEU A 174 -2.37 21.49 -12.31
CA LEU A 174 -1.85 20.90 -13.51
C LEU A 174 -2.79 19.73 -13.91
N LEU A 175 -3.40 19.83 -15.10
CA LEU A 175 -4.45 18.92 -15.53
C LEU A 175 -3.93 17.95 -16.56
N VAL A 176 -4.15 16.65 -16.33
CA VAL A 176 -3.81 15.61 -17.33
C VAL A 176 -5.17 15.21 -17.94
N SER A 177 -5.40 15.64 -19.17
CA SER A 177 -6.68 15.46 -19.82
C SER A 177 -6.48 15.62 -21.33
N GLU A 178 -7.43 15.10 -22.10
CA GLU A 178 -7.49 15.39 -23.53
C GLU A 178 -8.05 16.77 -23.83
N LYS A 179 -8.65 17.38 -22.82
CA LYS A 179 -9.27 18.69 -22.92
C LYS A 179 -8.56 19.70 -22.00
N SER A 180 -8.81 20.98 -22.23
CA SER A 180 -8.28 22.03 -21.38
CA SER A 180 -8.29 22.04 -21.39
C SER A 180 -9.36 22.53 -20.43
N CYS A 181 -8.95 23.15 -19.33
CA CYS A 181 -9.90 23.73 -18.39
C CYS A 181 -9.31 25.06 -17.90
N ASP A 182 -10.06 26.16 -17.96
CA ASP A 182 -9.54 27.47 -17.50
CA ASP A 182 -9.52 27.46 -17.51
C ASP A 182 -9.04 27.39 -16.06
N GLY A 183 -7.88 27.97 -15.78
CA GLY A 183 -7.26 27.91 -14.44
C GLY A 183 -6.33 26.72 -14.20
N TRP A 184 -6.36 25.74 -15.10
CA TRP A 184 -5.52 24.54 -15.02
C TRP A 184 -4.54 24.56 -16.17
N LEU A 185 -3.26 24.35 -15.85
CA LEU A 185 -2.22 24.19 -16.88
C LEU A 185 -2.41 22.84 -17.60
N ASN A 186 -2.16 22.85 -18.90
CA ASN A 186 -2.38 21.68 -19.74
C ASN A 186 -1.15 20.79 -19.82
N PHE A 187 -1.09 19.78 -18.96
CA PHE A 187 0.11 18.91 -18.88
C PHE A 187 0.50 18.34 -20.21
N LYS A 188 -0.47 17.76 -20.91
CA LYS A 188 -0.11 17.00 -22.14
C LYS A 188 0.45 17.94 -23.24
N LYS A 189 -0.13 19.12 -23.41
CA LYS A 189 0.40 20.09 -24.37
C LYS A 189 1.78 20.62 -23.99
N LEU A 190 1.95 20.92 -22.71
CA LEU A 190 3.24 21.44 -22.18
C LEU A 190 4.32 20.37 -22.34
N LEU A 191 3.93 19.12 -22.07
CA LEU A 191 4.84 18.00 -22.16
C LEU A 191 5.39 17.89 -23.56
N ASN A 192 4.51 18.03 -24.57
CA ASN A 192 4.98 17.82 -25.94
C ASN A 192 5.89 18.99 -26.39
N GLU A 193 5.69 20.15 -25.79
CA GLU A 193 6.50 21.33 -26.05
C GLU A 193 7.87 21.31 -25.36
N ALA A 194 8.04 20.49 -24.33
CA ALA A 194 9.21 20.52 -23.46
C ALA A 194 10.43 19.83 -24.10
N SER A 195 11.59 20.28 -23.69
CA SER A 195 12.84 19.64 -24.06
C SER A 195 12.94 18.22 -23.49
N THR A 196 13.50 17.31 -24.27
CA THR A 196 13.77 15.95 -23.82
C THR A 196 15.09 15.86 -22.99
N THR A 197 15.80 16.98 -22.83
CA THR A 197 16.91 17.07 -21.92
C THR A 197 16.54 17.86 -20.64
N HIS A 198 16.71 17.21 -19.51
CA HIS A 198 16.57 17.80 -18.19
C HIS A 198 17.79 17.41 -17.36
N HIS A 199 18.38 18.39 -16.68
CA HIS A 199 19.55 18.19 -15.84
C HIS A 199 19.07 17.75 -14.43
N CYS A 200 19.09 16.43 -14.22
CA CYS A 200 18.63 15.83 -12.96
C CYS A 200 19.27 16.50 -11.76
N VAL A 201 18.44 16.87 -10.80
CA VAL A 201 18.95 17.47 -9.58
C VAL A 201 19.77 16.43 -8.82
N GLU A 202 20.89 16.90 -8.24
CA GLU A 202 21.80 16.04 -7.46
C GLU A 202 21.26 15.96 -6.00
N THR A 203 20.19 15.21 -5.87
CA THR A 203 19.43 15.08 -4.60
C THR A 203 20.22 14.22 -3.58
N GLY A 204 20.08 14.60 -2.33
CA GLY A 204 20.73 13.93 -1.24
C GLY A 204 19.97 12.66 -0.89
N SER A 205 20.70 11.65 -0.43
N SER A 205 20.70 11.65 -0.43
CA SER A 205 20.10 10.37 -0.07
CA SER A 205 20.10 10.37 -0.06
C SER A 205 19.06 10.50 1.03
C SER A 205 19.03 10.52 1.01
N GLN A 206 19.20 11.50 1.91
CA GLN A 206 18.27 11.66 3.05
CA GLN A 206 18.29 11.67 3.07
C GLN A 206 17.26 12.80 2.87
N GLU A 207 17.37 13.46 1.71
CA GLU A 207 16.52 14.54 1.30
C GLU A 207 15.10 13.99 1.04
N ALA A 208 14.08 14.75 1.45
CA ALA A 208 12.70 14.34 1.27
C ALA A 208 12.37 14.20 -0.22
N SER A 209 11.72 13.08 -0.57
CA SER A 209 11.30 12.80 -1.92
C SER A 209 9.77 12.67 -2.03
N ALA A 210 9.15 12.10 -1.01
CA ALA A 210 7.72 11.87 -1.03
C ALA A 210 7.10 12.02 0.34
N ILE A 211 5.83 12.36 0.34
CA ILE A 211 5.02 12.29 1.52
C ILE A 211 3.76 11.45 1.19
N TYR A 212 3.57 10.38 1.94
CA TYR A 212 2.40 9.48 1.84
C TYR A 212 1.57 9.61 3.10
N PHE A 213 0.27 9.84 2.96
CA PHE A 213 -0.62 9.75 4.09
C PHE A 213 -0.91 8.25 4.43
N THR A 214 -0.89 7.91 5.71
CA THR A 214 -1.33 6.56 6.13
C THR A 214 -2.81 6.39 5.92
N SER A 215 -3.28 5.14 6.01
CA SER A 215 -4.61 4.80 5.52
C SER A 215 -5.76 5.36 6.38
N GLY A 216 -5.48 5.64 7.63
CA GLY A 216 -6.48 6.17 8.58
C GLY A 216 -7.23 5.09 9.34
N THR A 217 -6.71 3.88 9.33
CA THR A 217 -7.31 2.71 10.01
C THR A 217 -7.43 2.94 11.51
N SER A 218 -6.38 3.53 12.11
CA SER A 218 -6.35 3.75 13.55
C SER A 218 -6.62 5.17 14.04
N GLY A 219 -6.86 6.10 13.12
CA GLY A 219 -6.98 7.50 13.52
C GLY A 219 -6.84 8.34 12.28
N LEU A 220 -6.72 9.67 12.45
CA LEU A 220 -6.57 10.54 11.31
C LEU A 220 -5.30 10.12 10.57
N PRO A 221 -5.34 10.15 9.25
CA PRO A 221 -4.13 9.83 8.49
C PRO A 221 -2.93 10.69 8.89
N LYS A 222 -1.76 10.06 8.96
CA LYS A 222 -0.50 10.68 9.30
C LYS A 222 0.31 10.90 8.01
N MET A 223 1.11 11.96 8.00
CA MET A 223 2.02 12.26 6.89
C MET A 223 3.40 11.60 7.06
N ALA A 224 3.67 10.59 6.30
CA ALA A 224 4.90 9.81 6.37
C ALA A 224 5.88 10.30 5.27
N GLU A 225 6.98 10.91 5.69
CA GLU A 225 7.99 11.44 4.77
C GLU A 225 9.02 10.37 4.44
N HIS A 226 9.29 10.17 3.15
CA HIS A 226 10.31 9.23 2.64
C HIS A 226 11.38 10.04 1.89
N SER A 227 12.60 9.48 1.85
CA SER A 227 13.72 10.13 1.22
C SER A 227 14.02 9.49 -0.13
N TYR A 228 14.94 10.08 -0.89
CA TYR A 228 15.37 9.48 -2.13
C TYR A 228 15.89 8.05 -1.91
N SER A 229 16.57 7.81 -0.78
CA SER A 229 17.14 6.47 -0.56
C SER A 229 16.11 5.51 0.07
N SER A 230 15.21 6.00 0.92
CA SER A 230 14.27 5.11 1.63
C SER A 230 13.30 4.48 0.66
N LEU A 231 13.05 5.15 -0.45
CA LEU A 231 12.28 4.50 -1.54
C LEU A 231 13.21 3.85 -2.59
N GLY A 232 14.03 4.66 -3.25
CA GLY A 232 14.73 4.20 -4.46
C GLY A 232 15.87 3.26 -4.22
N LEU A 233 16.67 3.47 -3.14
CA LEU A 233 17.82 2.62 -2.86
C LEU A 233 17.35 1.33 -2.21
N LYS A 234 16.42 1.42 -1.27
CA LYS A 234 15.70 0.28 -0.69
C LYS A 234 15.11 -0.61 -1.82
N ALA A 235 14.39 0.00 -2.76
CA ALA A 235 13.78 -0.77 -3.84
C ALA A 235 14.83 -1.50 -4.67
N LYS A 236 15.92 -0.79 -4.95
CA LYS A 236 17.07 -1.37 -5.66
C LYS A 236 17.62 -2.58 -4.92
N MET A 237 17.66 -2.51 -3.60
CA MET A 237 18.18 -3.61 -2.79
C MET A 237 17.22 -4.81 -2.72
N ASP A 238 15.91 -4.55 -2.73
CA ASP A 238 14.91 -5.58 -2.68
C ASP A 238 14.63 -6.24 -4.05
N ALA A 239 14.98 -5.54 -5.09
CA ALA A 239 14.49 -5.87 -6.44
C ALA A 239 14.87 -7.31 -6.81
N GLY A 240 13.83 -8.02 -7.28
CA GLY A 240 13.96 -9.40 -7.66
C GLY A 240 13.37 -10.36 -6.63
N TRP A 241 12.92 -9.89 -5.45
CA TRP A 241 12.37 -10.84 -4.44
C TRP A 241 11.14 -11.64 -4.92
N THR A 242 10.42 -11.07 -5.90
CA THR A 242 9.24 -11.71 -6.47
C THR A 242 9.57 -12.83 -7.47
N GLY A 243 10.82 -12.88 -7.90
CA GLY A 243 11.30 -13.74 -8.94
C GLY A 243 11.32 -13.07 -10.30
N LEU A 244 10.87 -11.82 -10.36
CA LEU A 244 10.92 -11.02 -11.60
C LEU A 244 12.38 -10.88 -12.08
N GLN A 245 12.56 -10.95 -13.41
CA GLN A 245 13.87 -10.81 -14.04
C GLN A 245 13.80 -9.75 -15.14
N ALA A 246 14.97 -9.37 -15.65
CA ALA A 246 15.07 -8.26 -16.59
C ALA A 246 14.18 -8.34 -17.84
N SER A 247 13.92 -9.55 -18.34
CA SER A 247 13.21 -9.72 -19.62
C SER A 247 11.75 -9.99 -19.41
N ASP A 248 11.25 -9.74 -18.20
CA ASP A 248 9.90 -10.12 -17.86
C ASP A 248 8.98 -8.89 -17.75
N ILE A 249 7.68 -9.19 -17.61
CA ILE A 249 6.64 -8.21 -17.39
C ILE A 249 5.92 -8.47 -16.08
N MET A 250 5.87 -7.42 -15.23
CA MET A 250 5.17 -7.49 -13.95
C MET A 250 3.93 -6.65 -13.98
N TRP A 251 2.82 -7.20 -13.48
CA TRP A 251 1.60 -6.43 -13.30
C TRP A 251 1.33 -6.29 -11.80
N THR A 252 1.53 -5.08 -11.28
CA THR A 252 1.17 -4.73 -9.94
C THR A 252 -0.17 -4.07 -10.01
N ILE A 253 -1.16 -4.60 -9.29
CA ILE A 253 -2.52 -4.16 -9.25
C ILE A 253 -2.71 -3.30 -7.99
N SER A 254 -2.82 -1.99 -8.17
CA SER A 254 -2.79 -1.05 -7.05
C SER A 254 -3.40 0.29 -7.41
N ASP A 255 -4.01 0.95 -6.44
CA ASP A 255 -4.33 2.36 -6.55
C ASP A 255 -2.99 3.11 -6.65
N THR A 256 -2.95 4.09 -7.54
CA THR A 256 -1.78 4.94 -7.69
C THR A 256 -1.43 5.75 -6.44
N GLY A 257 -2.36 5.86 -5.49
CA GLY A 257 -2.12 6.60 -4.25
C GLY A 257 -1.40 5.83 -3.17
N TRP A 258 -1.29 4.50 -3.32
CA TRP A 258 -0.69 3.65 -2.31
C TRP A 258 0.80 3.54 -2.47
N ILE A 259 1.52 3.41 -1.35
CA ILE A 259 2.97 3.19 -1.47
C ILE A 259 3.38 1.93 -2.26
N LEU A 260 2.51 0.90 -2.26
CA LEU A 260 2.70 -0.29 -3.06
C LEU A 260 2.99 0.12 -4.51
N ASN A 261 2.27 1.13 -5.02
CA ASN A 261 2.49 1.53 -6.44
C ASN A 261 3.93 1.98 -6.73
N ILE A 262 4.47 2.86 -5.89
CA ILE A 262 5.81 3.36 -6.13
C ILE A 262 6.86 2.24 -6.01
N LEU A 263 6.68 1.36 -5.01
CA LEU A 263 7.66 0.31 -4.76
C LEU A 263 7.63 -0.81 -5.78
N CYS A 264 6.44 -1.32 -6.12
CA CYS A 264 6.32 -2.54 -6.89
CA CYS A 264 6.27 -2.55 -6.86
C CYS A 264 5.90 -2.30 -8.32
N SER A 265 5.13 -1.22 -8.60
CA SER A 265 4.76 -0.94 -9.99
C SER A 265 5.85 -0.13 -10.68
N LEU A 266 6.59 0.68 -9.94
CA LEU A 266 7.54 1.59 -10.56
C LEU A 266 8.99 1.18 -10.25
N MET A 267 9.35 1.17 -8.96
CA MET A 267 10.81 1.08 -8.69
C MET A 267 11.38 -0.32 -8.81
N GLU A 268 10.66 -1.33 -8.35
CA GLU A 268 11.23 -2.67 -8.42
C GLU A 268 11.40 -3.20 -9.85
N PRO A 269 10.41 -3.10 -10.74
CA PRO A 269 10.72 -3.60 -12.13
C PRO A 269 11.84 -2.79 -12.79
N TRP A 270 11.82 -1.47 -12.62
CA TRP A 270 12.78 -0.60 -13.28
C TRP A 270 14.19 -0.73 -12.69
N ALA A 271 14.31 -1.11 -11.42
CA ALA A 271 15.62 -1.46 -10.94
C ALA A 271 16.23 -2.63 -11.74
N LEU A 272 15.39 -3.58 -12.23
CA LEU A 272 15.83 -4.76 -12.94
C LEU A 272 15.88 -4.60 -14.46
N GLY A 273 15.37 -3.47 -14.96
CA GLY A 273 15.24 -3.29 -16.38
C GLY A 273 14.05 -4.00 -17.00
N ALA A 274 13.14 -4.43 -16.15
CA ALA A 274 11.92 -5.15 -16.56
C ALA A 274 10.79 -4.16 -16.90
N CYS A 275 9.74 -4.70 -17.52
CA CYS A 275 8.58 -3.95 -17.95
C CYS A 275 7.54 -4.00 -16.87
N THR A 276 6.92 -2.85 -16.58
CA THR A 276 5.74 -2.76 -15.73
C THR A 276 4.46 -2.62 -16.58
N PHE A 277 3.44 -3.43 -16.27
CA PHE A 277 2.20 -3.45 -17.00
C PHE A 277 1.19 -2.70 -16.14
N VAL A 278 0.44 -1.86 -16.79
CA VAL A 278 -0.60 -1.07 -16.10
C VAL A 278 -1.88 -1.16 -16.90
N HIS A 279 -2.96 -1.59 -16.24
CA HIS A 279 -4.32 -1.57 -16.81
C HIS A 279 -5.10 -0.48 -16.10
N LEU A 280 -5.75 0.34 -16.90
CA LEU A 280 -6.63 1.38 -16.31
C LEU A 280 -7.54 0.74 -15.25
N LEU A 281 -8.15 -0.40 -15.56
CA LEU A 281 -9.00 -1.15 -14.62
CA LEU A 281 -9.00 -1.16 -14.64
C LEU A 281 -9.95 -0.19 -13.90
N PRO A 282 -10.75 0.55 -14.68
CA PRO A 282 -11.64 1.55 -14.08
C PRO A 282 -12.66 1.02 -13.10
N LYS A 283 -13.08 -0.24 -13.29
CA LYS A 283 -13.98 -0.93 -12.43
CA LYS A 283 -14.05 -0.87 -12.38
C LYS A 283 -13.07 -2.09 -12.08
C LYS A 283 -13.51 -1.96 -11.47
N PHE A 284 -12.91 -2.33 -10.81
N PHE A 284 -12.20 -2.27 -11.52
CA PHE A 284 -11.91 -3.28 -10.42
CA PHE A 284 -11.65 -3.36 -10.64
C PHE A 284 -12.49 -4.68 -10.77
N ASP A 285 -12.77 -4.96 -12.04
CA ASP A 285 -13.60 -6.13 -12.43
C ASP A 285 -12.74 -7.41 -12.50
N PRO A 286 -13.08 -8.45 -11.67
CA PRO A 286 -12.18 -9.62 -11.63
C PRO A 286 -12.19 -10.38 -12.95
N LEU A 287 -13.29 -10.30 -13.71
CA LEU A 287 -13.31 -10.96 -15.02
C LEU A 287 -12.33 -10.24 -16.00
N VAL A 288 -12.23 -8.91 -15.91
CA VAL A 288 -11.24 -8.16 -16.70
C VAL A 288 -9.83 -8.54 -16.26
N ILE A 289 -9.64 -8.65 -14.94
CA ILE A 289 -8.32 -9.13 -14.45
C ILE A 289 -7.96 -10.48 -15.09
N LEU A 290 -8.90 -11.42 -15.00
CA LEU A 290 -8.68 -12.76 -15.56
C LEU A 290 -8.37 -12.74 -17.07
N LYS A 291 -9.18 -12.00 -17.83
CA LYS A 291 -8.95 -11.90 -19.30
C LYS A 291 -7.57 -11.31 -19.62
N THR A 292 -7.17 -10.35 -18.81
CA THR A 292 -5.86 -9.68 -18.95
C THR A 292 -4.74 -10.67 -18.72
N LEU A 293 -4.80 -11.42 -17.62
CA LEU A 293 -3.81 -12.46 -17.36
C LEU A 293 -3.69 -13.44 -18.51
N SER A 294 -4.84 -13.81 -19.05
CA SER A 294 -4.90 -14.84 -20.07
C SER A 294 -4.55 -14.29 -21.50
N SER A 295 -4.54 -12.96 -21.67
CA SER A 295 -4.34 -12.34 -23.00
C SER A 295 -3.01 -11.64 -23.24
N TYR A 296 -2.26 -11.41 -22.16
CA TYR A 296 -0.96 -10.76 -22.23
C TYR A 296 0.11 -11.61 -21.52
N PRO A 297 1.38 -11.48 -21.94
CA PRO A 297 2.44 -12.34 -21.41
C PRO A 297 2.97 -11.81 -20.07
N ILE A 298 2.06 -11.67 -19.11
CA ILE A 298 2.39 -11.23 -17.75
C ILE A 298 3.02 -12.45 -17.03
N LYS A 299 4.27 -12.27 -16.52
CA LYS A 299 4.97 -13.38 -15.85
C LYS A 299 4.91 -13.28 -14.35
N SER A 300 4.70 -12.08 -13.83
CA SER A 300 4.68 -11.83 -12.38
C SER A 300 3.48 -10.90 -12.07
N MET A 301 2.80 -11.14 -10.97
CA MET A 301 1.73 -10.26 -10.55
C MET A 301 1.78 -10.03 -9.04
N MET A 302 1.36 -8.82 -8.64
CA MET A 302 1.25 -8.39 -7.23
C MET A 302 -0.13 -7.83 -7.03
N GLY A 303 -0.82 -8.32 -5.99
CA GLY A 303 -2.10 -7.77 -5.63
C GLY A 303 -2.44 -8.09 -4.20
N ALA A 304 -3.40 -7.35 -3.63
CA ALA A 304 -3.86 -7.65 -2.29
C ALA A 304 -4.58 -8.97 -2.30
N PRO A 305 -4.67 -9.65 -1.15
CA PRO A 305 -5.31 -10.93 -1.13
C PRO A 305 -6.75 -10.98 -1.74
N ILE A 306 -7.51 -9.88 -1.65
CA ILE A 306 -8.84 -9.84 -2.27
C ILE A 306 -8.77 -10.12 -3.76
N VAL A 307 -7.68 -9.72 -4.42
CA VAL A 307 -7.61 -9.98 -5.88
C VAL A 307 -7.68 -11.54 -6.13
N TYR A 308 -6.85 -12.31 -5.40
CA TYR A 308 -6.82 -13.75 -5.56
C TYR A 308 -8.18 -14.39 -5.15
N ARG A 309 -8.75 -13.90 -4.04
CA ARG A 309 -10.03 -14.38 -3.61
C ARG A 309 -11.10 -14.16 -4.68
N MET A 310 -11.06 -13.00 -5.31
CA MET A 310 -12.00 -12.72 -6.41
C MET A 310 -11.80 -13.58 -7.63
N LEU A 311 -10.53 -13.79 -7.96
CA LEU A 311 -10.20 -14.61 -9.12
C LEU A 311 -10.66 -16.06 -8.94
N LEU A 312 -10.55 -16.54 -7.70
CA LEU A 312 -10.97 -17.91 -7.39
C LEU A 312 -12.50 -18.10 -7.54
N GLN A 313 -13.25 -17.01 -7.47
CA GLN A 313 -14.70 -17.04 -7.70
C GLN A 313 -15.07 -16.96 -9.18
N GLN A 314 -14.09 -16.79 -10.06
CA GLN A 314 -14.32 -16.75 -11.51
C GLN A 314 -14.11 -18.15 -12.09
N ASP A 315 -14.37 -18.30 -13.39
CA ASP A 315 -14.27 -19.58 -14.05
C ASP A 315 -12.84 -19.77 -14.55
N LEU A 316 -11.99 -20.26 -13.64
CA LEU A 316 -10.59 -20.52 -14.01
C LEU A 316 -10.39 -21.75 -14.93
N SER A 317 -11.42 -22.56 -15.17
CA SER A 317 -11.29 -23.58 -16.22
C SER A 317 -11.18 -22.95 -17.62
N SER A 318 -11.90 -21.86 -17.84
CA SER A 318 -12.00 -21.27 -19.19
C SER A 318 -10.93 -20.26 -19.57
N TYR A 319 -10.18 -19.77 -18.59
CA TYR A 319 -9.24 -18.69 -18.83
C TYR A 319 -7.93 -19.14 -18.24
N LYS A 320 -7.09 -19.76 -19.07
CA LYS A 320 -5.76 -20.20 -18.66
C LYS A 320 -4.67 -19.09 -18.85
N PHE A 321 -3.67 -19.13 -17.97
CA PHE A 321 -2.59 -18.15 -18.00
C PHE A 321 -1.27 -18.84 -17.79
N PRO A 322 -0.86 -19.69 -18.77
CA PRO A 322 0.38 -20.45 -18.64
C PRO A 322 1.69 -19.65 -18.50
N HIS A 323 1.68 -18.39 -18.92
CA HIS A 323 2.86 -17.57 -18.84
C HIS A 323 3.16 -17.11 -17.41
N LEU A 324 2.11 -17.06 -16.59
CA LEU A 324 2.23 -16.52 -15.22
C LEU A 324 3.04 -17.47 -14.37
N GLN A 325 4.07 -16.95 -13.69
CA GLN A 325 4.99 -17.75 -12.86
CA GLN A 325 4.84 -17.83 -12.82
C GLN A 325 4.98 -17.34 -11.38
N ASN A 326 4.89 -16.02 -11.16
CA ASN A 326 5.13 -15.47 -9.81
C ASN A 326 3.93 -14.67 -9.37
N CYS A 327 3.33 -15.07 -8.24
CA CYS A 327 2.19 -14.39 -7.67
C CYS A 327 2.55 -13.97 -6.23
N VAL A 328 2.51 -12.66 -5.95
CA VAL A 328 2.86 -12.18 -4.64
C VAL A 328 1.68 -11.38 -4.14
N THR A 329 1.68 -11.12 -2.83
CA THR A 329 0.60 -10.38 -2.24
C THR A 329 1.14 -9.57 -1.04
N VAL A 330 0.36 -8.59 -0.60
CA VAL A 330 0.73 -7.79 0.56
C VAL A 330 -0.54 -7.11 1.02
N GLY A 331 -0.56 -6.68 2.28
CA GLY A 331 -1.62 -5.79 2.78
C GLY A 331 -2.55 -6.26 3.89
N GLU A 332 -2.86 -7.54 3.85
CA GLU A 332 -3.59 -8.25 4.86
C GLU A 332 -3.16 -9.70 4.80
N SER A 333 -3.58 -10.47 5.81
CA SER A 333 -3.19 -11.87 5.89
C SER A 333 -3.72 -12.66 4.70
N LEU A 334 -2.83 -13.42 4.10
CA LEU A 334 -3.17 -14.40 3.08
C LEU A 334 -3.67 -15.64 3.83
N LEU A 335 -4.96 -15.92 3.72
CA LEU A 335 -5.47 -17.13 4.36
C LEU A 335 -4.89 -18.40 3.78
N PRO A 336 -4.57 -19.39 4.65
CA PRO A 336 -4.15 -20.67 4.13
C PRO A 336 -5.12 -21.29 3.11
N GLU A 337 -6.43 -21.11 3.29
N GLU A 337 -6.42 -21.10 3.29
CA GLU A 337 -7.39 -21.67 2.34
CA GLU A 337 -7.38 -21.67 2.35
C GLU A 337 -7.25 -21.03 0.97
C GLU A 337 -7.25 -21.03 0.97
N THR A 338 -6.99 -19.72 0.95
CA THR A 338 -6.77 -18.98 -0.34
C THR A 338 -5.56 -19.53 -1.05
N LEU A 339 -4.45 -19.62 -0.32
CA LEU A 339 -3.21 -20.24 -0.83
C LEU A 339 -3.43 -21.64 -1.40
N GLU A 340 -4.13 -22.47 -0.63
CA GLU A 340 -4.37 -23.86 -1.04
C GLU A 340 -5.25 -23.93 -2.31
N ASN A 341 -6.33 -23.16 -2.30
CA ASN A 341 -7.25 -23.16 -3.42
C ASN A 341 -6.55 -22.66 -4.71
N TRP A 342 -5.74 -21.59 -4.56
CA TRP A 342 -4.99 -21.08 -5.72
C TRP A 342 -4.05 -22.11 -6.28
N ARG A 343 -3.32 -22.78 -5.38
CA ARG A 343 -2.39 -23.84 -5.80
C ARG A 343 -3.15 -24.96 -6.54
N ALA A 344 -4.31 -25.34 -6.01
CA ALA A 344 -5.08 -26.43 -6.63
C ALA A 344 -5.56 -26.04 -8.02
N GLN A 345 -6.07 -24.81 -8.16
CA GLN A 345 -6.69 -24.42 -9.42
CA GLN A 345 -6.69 -24.37 -9.41
C GLN A 345 -5.70 -23.95 -10.50
N THR A 346 -4.55 -23.41 -10.10
CA THR A 346 -3.60 -22.81 -11.04
C THR A 346 -2.24 -23.48 -11.13
N GLY A 347 -1.89 -24.27 -10.10
CA GLY A 347 -0.58 -24.88 -9.99
C GLY A 347 0.46 -23.95 -9.42
N LEU A 348 0.04 -22.72 -9.06
CA LEU A 348 0.95 -21.70 -8.58
C LEU A 348 0.88 -21.44 -7.09
N ASP A 349 2.04 -20.99 -6.54
CA ASP A 349 2.15 -20.50 -5.17
C ASP A 349 1.75 -19.03 -5.13
N ILE A 350 1.30 -18.57 -3.97
CA ILE A 350 1.22 -17.12 -3.69
C ILE A 350 2.23 -16.88 -2.59
N ARG A 351 3.18 -15.97 -2.84
N ARG A 351 3.16 -15.95 -2.81
CA ARG A 351 4.19 -15.59 -1.83
CA ARG A 351 4.18 -15.65 -1.80
C ARG A 351 3.77 -14.30 -1.17
C ARG A 351 3.91 -14.29 -1.15
N GLU A 352 3.59 -14.36 0.15
CA GLU A 352 3.11 -13.24 0.95
C GLU A 352 4.27 -12.30 1.32
N SER A 353 3.89 -11.04 1.53
CA SER A 353 4.79 -10.01 2.07
C SER A 353 4.00 -9.14 3.06
N TYR A 354 4.77 -8.37 3.80
CA TYR A 354 4.28 -7.57 4.88
C TYR A 354 5.04 -6.26 4.95
N GLY A 355 4.29 -5.23 5.34
CA GLY A 355 4.92 -3.93 5.58
C GLY A 355 3.91 -2.87 5.94
N GLN A 356 4.39 -1.64 5.99
CA GLN A 356 3.51 -0.53 6.28
C GLN A 356 4.06 0.74 5.57
N THR A 357 3.25 1.75 5.46
CA THR A 357 3.69 3.01 4.80
C THR A 357 5.05 3.48 5.32
N GLU A 358 5.21 3.46 6.64
CA GLU A 358 6.38 3.94 7.31
C GLU A 358 7.69 3.16 7.03
N THR A 359 7.54 1.88 6.69
CA THR A 359 8.72 1.00 6.55
C THR A 359 8.88 0.30 5.18
N GLY A 360 7.91 0.45 4.27
CA GLY A 360 7.89 -0.26 3.02
C GLY A 360 7.88 -1.78 3.24
N LEU A 361 8.53 -2.49 2.33
CA LEU A 361 8.55 -3.97 2.37
C LEU A 361 9.44 -4.39 3.57
N THR A 362 8.82 -5.10 4.51
CA THR A 362 9.44 -5.38 5.80
C THR A 362 9.77 -6.86 6.01
N CYS A 363 8.82 -7.72 5.66
CA CYS A 363 9.04 -9.17 5.64
C CYS A 363 8.43 -9.69 4.35
N MET A 364 9.07 -10.72 3.83
CA MET A 364 8.51 -11.43 2.68
C MET A 364 9.01 -12.82 2.51
N VAL A 365 8.21 -13.58 1.78
CA VAL A 365 8.60 -14.87 1.26
C VAL A 365 9.16 -14.67 -0.14
N SER A 366 10.49 -14.73 -0.25
CA SER A 366 11.18 -14.62 -1.55
C SER A 366 10.99 -15.87 -2.40
N LYS A 367 11.36 -15.76 -3.69
CA LYS A 367 11.05 -16.82 -4.62
C LYS A 367 11.75 -18.12 -4.28
N THR A 368 12.94 -18.06 -3.68
CA THR A 368 13.66 -19.27 -3.30
C THR A 368 13.23 -19.87 -1.94
N MET A 369 12.43 -19.16 -1.18
CA MET A 369 12.03 -19.64 0.13
C MET A 369 10.86 -20.63 0.10
N LYS A 370 10.86 -21.59 1.01
CA LYS A 370 9.72 -22.44 1.30
C LYS A 370 8.51 -21.65 1.78
N ILE A 371 7.33 -22.00 1.28
CA ILE A 371 6.11 -21.39 1.76
C ILE A 371 5.58 -22.10 3.00
N LYS A 372 5.26 -21.31 4.01
CA LYS A 372 4.66 -21.79 5.23
C LYS A 372 3.29 -21.09 5.35
N PRO A 373 2.18 -21.84 5.12
CA PRO A 373 0.86 -21.26 5.22
C PRO A 373 0.65 -20.54 6.55
N GLY A 374 0.07 -19.35 6.51
CA GLY A 374 -0.23 -18.55 7.70
C GLY A 374 0.94 -17.66 8.15
N TYR A 375 2.07 -17.76 7.45
CA TYR A 375 3.26 -16.95 7.74
C TYR A 375 3.62 -16.02 6.58
N MET A 376 4.13 -14.86 6.97
CA MET A 376 4.42 -13.77 5.98
CA MET A 376 4.43 -13.72 6.05
C MET A 376 5.88 -13.60 5.59
N GLY A 377 6.73 -14.55 5.97
CA GLY A 377 8.09 -14.62 5.56
C GLY A 377 9.07 -14.02 6.56
N THR A 378 10.26 -13.76 6.05
CA THR A 378 11.41 -13.31 6.83
C THR A 378 11.79 -11.87 6.47
N ALA A 379 12.64 -11.27 7.31
CA ALA A 379 13.02 -9.90 7.17
C ALA A 379 13.53 -9.52 5.77
N ALA A 380 13.15 -8.34 5.29
CA ALA A 380 13.75 -7.73 4.09
C ALA A 380 15.23 -7.53 4.33
N SER A 381 16.03 -7.58 3.28
CA SER A 381 17.50 -7.69 3.55
C SER A 381 18.10 -6.47 4.31
N CYS A 382 17.50 -5.28 4.19
CA CYS A 382 18.05 -4.15 4.92
C CYS A 382 17.73 -4.14 6.43
N TYR A 383 16.85 -5.05 6.87
CA TYR A 383 16.20 -4.93 8.16
C TYR A 383 16.50 -6.06 9.14
N ASP A 384 16.65 -5.67 10.39
CA ASP A 384 16.69 -6.61 11.52
C ASP A 384 15.35 -6.54 12.17
N VAL A 385 14.49 -7.49 11.75
CA VAL A 385 13.10 -7.53 12.27
C VAL A 385 13.04 -8.55 13.42
N GLN A 386 12.47 -8.13 14.55
CA GLN A 386 12.40 -9.01 15.74
C GLN A 386 11.02 -8.88 16.41
N ILE A 387 10.71 -9.86 17.28
CA ILE A 387 9.59 -9.72 18.23
C ILE A 387 10.19 -9.26 19.53
N ILE A 388 9.60 -8.17 20.06
CA ILE A 388 10.20 -7.52 21.24
C ILE A 388 9.20 -7.35 22.38
N ASP A 389 9.74 -7.35 23.60
CA ASP A 389 8.91 -7.23 24.78
C ASP A 389 8.62 -5.76 25.09
N ASP A 390 7.96 -5.56 26.22
CA ASP A 390 7.50 -4.23 26.61
C ASP A 390 8.62 -3.25 26.98
N LYS A 391 9.83 -3.79 27.17
CA LYS A 391 11.02 -2.99 27.41
C LYS A 391 11.98 -2.90 26.22
N GLY A 392 11.62 -3.47 25.07
CA GLY A 392 12.46 -3.37 23.90
C GLY A 392 13.46 -4.52 23.77
N ASN A 393 13.34 -5.52 24.62
CA ASN A 393 14.23 -6.72 24.53
C ASN A 393 13.72 -7.74 23.50
N VAL A 394 14.67 -8.29 22.74
CA VAL A 394 14.43 -9.37 21.79
C VAL A 394 13.94 -10.62 22.51
N LEU A 395 12.86 -11.17 21.96
CA LEU A 395 12.19 -12.35 22.53
C LEU A 395 12.60 -13.60 21.72
N PRO A 396 12.55 -14.75 22.40
CA PRO A 396 12.86 -16.01 21.72
C PRO A 396 11.75 -16.41 20.73
N PRO A 397 12.05 -17.35 19.82
CA PRO A 397 11.03 -17.84 18.92
C PRO A 397 9.86 -18.47 19.71
N GLY A 398 8.67 -18.40 19.14
CA GLY A 398 7.51 -19.03 19.73
C GLY A 398 6.80 -18.15 20.75
N THR A 399 7.28 -16.93 20.97
CA THR A 399 6.70 -16.07 21.98
C THR A 399 6.07 -14.86 21.33
N GLU A 400 4.79 -14.61 21.59
CA GLU A 400 4.14 -13.43 21.00
C GLU A 400 4.67 -12.13 21.64
N GLY A 401 4.93 -11.14 20.76
CA GLY A 401 5.18 -9.78 21.22
C GLY A 401 4.95 -8.82 20.08
N ASP A 402 5.62 -7.70 20.20
CA ASP A 402 5.48 -6.57 19.24
C ASP A 402 6.50 -6.75 18.11
N ILE A 403 6.06 -6.60 16.87
CA ILE A 403 6.99 -6.64 15.73
C ILE A 403 7.72 -5.29 15.64
N GLY A 404 9.04 -5.37 15.60
CA GLY A 404 9.89 -4.17 15.55
C GLY A 404 11.04 -4.32 14.55
N ILE A 405 11.54 -3.18 14.07
CA ILE A 405 12.73 -3.12 13.22
C ILE A 405 13.82 -2.37 13.97
N ARG A 406 15.01 -2.95 14.06
CA ARG A 406 16.11 -2.29 14.80
C ARG A 406 16.52 -1.00 14.05
N VAL A 407 16.53 0.11 14.74
CA VAL A 407 16.92 1.40 14.12
C VAL A 407 18.07 2.11 14.87
N LYS A 408 18.58 1.49 15.95
CA LYS A 408 19.74 2.02 16.67
C LYS A 408 20.71 0.88 16.89
N PRO A 409 22.02 1.14 16.75
CA PRO A 409 22.65 2.41 16.49
C PRO A 409 22.55 2.86 15.03
N ILE A 410 22.24 1.96 14.11
CA ILE A 410 22.14 2.34 12.69
C ILE A 410 20.69 2.20 12.17
N ARG A 411 20.18 3.29 11.60
CA ARG A 411 18.84 3.30 11.02
C ARG A 411 18.96 2.71 9.60
N PRO A 412 18.27 1.63 9.31
CA PRO A 412 18.48 0.94 8.03
C PRO A 412 17.89 1.67 6.82
N ILE A 413 18.43 1.39 5.66
CA ILE A 413 17.89 1.89 4.43
CA ILE A 413 17.89 1.93 4.43
C ILE A 413 16.48 1.36 4.26
N GLY A 414 15.51 2.25 3.96
CA GLY A 414 14.14 1.83 3.72
C GLY A 414 13.15 2.41 4.72
N ILE A 415 13.60 2.68 5.94
CA ILE A 415 12.79 3.31 6.98
CA ILE A 415 12.64 3.25 6.85
C ILE A 415 12.48 4.78 6.61
N PHE A 416 11.25 5.22 6.82
CA PHE A 416 10.87 6.58 6.56
C PHE A 416 11.65 7.59 7.45
N SER A 417 11.46 8.87 7.16
CA SER A 417 12.19 9.95 7.83
C SER A 417 11.47 10.48 9.08
N GLY A 418 10.22 10.11 9.26
CA GLY A 418 9.40 10.57 10.37
C GLY A 418 8.06 11.09 9.88
N TYR A 419 7.18 11.32 10.84
CA TYR A 419 5.93 11.97 10.58
C TYR A 419 6.12 13.47 10.42
N VAL A 420 5.68 13.99 9.27
CA VAL A 420 5.77 15.44 9.00
C VAL A 420 5.02 16.23 10.09
N ASP A 421 5.74 17.21 10.65
CA ASP A 421 5.24 18.14 11.70
C ASP A 421 4.91 17.46 13.02
N ASN A 422 5.30 16.18 13.17
CA ASN A 422 4.91 15.42 14.34
C ASN A 422 6.07 14.56 14.90
N PRO A 423 7.18 15.19 15.30
CA PRO A 423 8.32 14.47 15.92
C PRO A 423 7.94 13.66 17.16
N ASP A 424 6.95 14.13 17.92
CA ASP A 424 6.52 13.42 19.13
C ASP A 424 5.91 12.07 18.77
N LYS A 425 5.09 12.04 17.73
CA LYS A 425 4.47 10.82 17.25
C LYS A 425 5.55 9.89 16.73
N THR A 426 6.59 10.43 16.08
CA THR A 426 7.68 9.58 15.58
C THR A 426 8.37 8.90 16.78
N ALA A 427 8.76 9.74 17.74
CA ALA A 427 9.48 9.27 18.93
C ALA A 427 8.66 8.23 19.73
N ALA A 428 7.34 8.37 19.74
CA ALA A 428 6.40 7.48 20.46
C ALA A 428 6.41 6.03 19.96
N ASN A 429 6.85 5.83 18.71
CA ASN A 429 6.86 4.49 18.14
C ASN A 429 8.26 3.89 18.23
N ILE A 430 9.17 4.53 18.94
CA ILE A 430 10.50 3.96 19.15
C ILE A 430 10.52 3.40 20.58
N ARG A 431 10.87 2.13 20.70
CA ARG A 431 11.02 1.50 21.99
C ARG A 431 12.43 0.86 22.04
N GLY A 432 13.24 1.32 22.99
CA GLY A 432 14.66 0.98 22.99
C GLY A 432 15.25 1.26 21.63
N ASP A 433 15.80 0.20 21.04
CA ASP A 433 16.49 0.29 19.77
C ASP A 433 15.57 0.01 18.55
N PHE A 434 14.27 -0.10 18.77
CA PHE A 434 13.34 -0.61 17.74
C PHE A 434 12.26 0.38 17.37
N TRP A 435 11.95 0.42 16.06
CA TRP A 435 10.76 1.06 15.54
C TRP A 435 9.66 0.02 15.63
N LEU A 436 8.57 0.37 16.31
CA LEU A 436 7.42 -0.48 16.46
C LEU A 436 6.44 -0.32 15.29
N LEU A 437 6.12 -1.45 14.67
CA LEU A 437 5.13 -1.46 13.59
C LEU A 437 3.70 -1.27 14.09
N GLY A 438 3.49 -1.62 15.36
CA GLY A 438 2.14 -1.58 15.94
C GLY A 438 1.36 -2.89 15.80
N ASP A 439 1.99 -3.93 15.24
CA ASP A 439 1.43 -5.25 15.00
C ASP A 439 2.08 -6.21 15.97
N ARG A 440 1.27 -7.17 16.46
CA ARG A 440 1.74 -8.30 17.27
C ARG A 440 2.21 -9.38 16.31
N GLY A 441 3.19 -10.18 16.76
CA GLY A 441 3.59 -11.31 15.97
C GLY A 441 4.33 -12.36 16.78
N ILE A 442 4.57 -13.50 16.14
CA ILE A 442 5.38 -14.57 16.69
C ILE A 442 6.36 -14.96 15.59
N LYS A 443 7.60 -15.29 15.95
CA LYS A 443 8.61 -15.74 14.98
C LYS A 443 8.91 -17.21 15.23
N ASP A 444 8.98 -17.97 14.14
CA ASP A 444 9.29 -19.38 14.25
C ASP A 444 10.80 -19.66 14.21
N GLU A 445 11.12 -20.96 14.29
CA GLU A 445 12.52 -21.38 14.39
CA GLU A 445 12.50 -21.43 14.36
C GLU A 445 13.40 -20.99 13.18
N ASP A 446 12.80 -20.84 12.00
CA ASP A 446 13.47 -20.37 10.79
C ASP A 446 13.41 -18.88 10.56
N GLY A 447 12.82 -18.09 11.49
CA GLY A 447 12.77 -16.67 11.39
C GLY A 447 11.53 -16.15 10.70
N TYR A 448 10.57 -17.04 10.36
CA TYR A 448 9.36 -16.61 9.65
C TYR A 448 8.43 -15.99 10.64
N PHE A 449 7.79 -14.92 10.21
CA PHE A 449 6.83 -14.22 11.06
C PHE A 449 5.38 -14.61 10.83
N GLN A 450 4.64 -14.75 11.93
CA GLN A 450 3.19 -14.91 11.89
C GLN A 450 2.57 -13.64 12.47
N PHE A 451 1.69 -13.00 11.71
CA PHE A 451 0.89 -11.84 12.17
C PHE A 451 -0.13 -12.23 13.21
N MET A 452 -0.20 -11.48 14.30
CA MET A 452 -1.10 -11.79 15.42
C MET A 452 -2.04 -10.63 15.76
N GLY A 453 -2.21 -9.69 14.82
CA GLY A 453 -3.17 -8.62 15.02
C GLY A 453 -2.58 -7.29 15.36
N ARG A 454 -3.33 -6.20 15.10
CA ARG A 454 -2.94 -4.87 15.57
CA ARG A 454 -2.91 -4.88 15.57
C ARG A 454 -2.91 -4.91 17.10
N ALA A 455 -1.83 -4.45 17.69
CA ALA A 455 -1.69 -4.50 19.11
C ALA A 455 -2.80 -3.80 19.88
N ASP A 456 -3.20 -2.65 19.37
CA ASP A 456 -4.24 -1.80 19.99
C ASP A 456 -5.63 -2.42 19.96
N ASP A 457 -5.81 -3.44 19.13
CA ASP A 457 -7.10 -4.10 18.93
C ASP A 457 -7.26 -5.32 19.84
N ILE A 458 -6.20 -5.75 20.54
CA ILE A 458 -6.32 -6.94 21.38
C ILE A 458 -7.08 -6.56 22.65
N ILE A 459 -7.98 -7.44 23.09
CA ILE A 459 -8.86 -7.14 24.21
C ILE A 459 -8.32 -7.90 25.44
N ASN A 460 -8.33 -7.20 26.57
CA ASN A 460 -7.85 -7.73 27.88
C ASN A 460 -9.05 -7.84 28.78
N SER A 461 -9.53 -9.05 29.03
CA SER A 461 -10.73 -9.22 29.85
C SER A 461 -10.49 -10.35 30.87
N SER A 462 -10.58 -10.02 32.15
CA SER A 462 -10.38 -11.01 33.24
C SER A 462 -9.04 -11.73 33.07
N GLY A 463 -8.00 -10.94 32.74
CA GLY A 463 -6.65 -11.45 32.57
C GLY A 463 -6.38 -12.28 31.32
N TYR A 464 -7.36 -12.34 30.40
CA TYR A 464 -7.20 -13.07 29.15
C TYR A 464 -6.96 -12.02 28.07
N ARG A 465 -6.15 -12.39 27.07
CA ARG A 465 -5.99 -11.58 25.87
C ARG A 465 -6.84 -12.21 24.80
N ILE A 466 -7.67 -11.40 24.15
CA ILE A 466 -8.58 -11.90 23.13
C ILE A 466 -8.33 -11.13 21.81
N GLY A 467 -7.99 -11.87 20.76
CA GLY A 467 -7.80 -11.31 19.42
C GLY A 467 -9.17 -11.21 18.74
N PRO A 468 -9.51 -10.00 18.28
CA PRO A 468 -10.86 -9.85 17.70
C PRO A 468 -11.08 -10.67 16.45
N SER A 469 -10.05 -10.94 15.65
CA SER A 469 -10.21 -11.70 14.40
C SER A 469 -10.87 -13.06 14.56
N GLU A 470 -10.48 -13.80 15.60
CA GLU A 470 -11.06 -15.11 15.84
C GLU A 470 -12.56 -15.00 16.18
N VAL A 471 -12.90 -13.98 16.96
CA VAL A 471 -14.28 -13.74 17.41
C VAL A 471 -15.13 -13.31 16.17
N GLU A 472 -14.60 -12.37 15.40
CA GLU A 472 -15.25 -11.92 14.16
C GLU A 472 -15.50 -13.12 13.22
N ASN A 473 -14.48 -13.97 13.04
CA ASN A 473 -14.62 -15.18 12.20
C ASN A 473 -15.71 -16.12 12.70
N ALA A 474 -15.75 -16.34 14.01
CA ALA A 474 -16.79 -17.21 14.63
C ALA A 474 -18.19 -16.63 14.38
N LEU A 475 -18.31 -15.30 14.47
CA LEU A 475 -19.60 -14.65 14.20
C LEU A 475 -20.02 -14.75 12.76
N MET A 476 -19.05 -14.57 11.86
CA MET A 476 -19.32 -14.59 10.42
C MET A 476 -19.81 -15.97 9.95
N GLU A 477 -19.58 -17.00 10.75
CA GLU A 477 -20.15 -18.33 10.46
C GLU A 477 -21.65 -18.38 10.52
N HIS A 478 -22.23 -17.49 11.34
CA HIS A 478 -23.64 -17.52 11.58
C HIS A 478 -24.38 -16.84 10.44
N PRO A 479 -25.51 -17.42 9.98
CA PRO A 479 -26.15 -16.83 8.81
C PRO A 479 -26.73 -15.41 9.00
N ALA A 480 -26.95 -15.01 10.27
CA ALA A 480 -27.47 -13.67 10.61
C ALA A 480 -26.45 -12.56 10.33
N VAL A 481 -25.17 -12.91 10.28
CA VAL A 481 -24.10 -11.88 10.32
C VAL A 481 -23.56 -11.59 8.95
N VAL A 482 -23.73 -10.34 8.48
CA VAL A 482 -23.16 -9.88 7.20
C VAL A 482 -21.76 -9.32 7.35
N GLU A 483 -21.51 -8.63 8.47
CA GLU A 483 -20.21 -7.99 8.72
C GLU A 483 -20.16 -7.80 10.23
N THR A 484 -18.96 -7.76 10.81
CA THR A 484 -18.87 -7.55 12.25
C THR A 484 -17.50 -7.00 12.61
N ALA A 485 -17.46 -6.28 13.72
CA ALA A 485 -16.23 -5.79 14.31
C ALA A 485 -16.28 -6.02 15.81
N VAL A 486 -15.18 -6.56 16.36
CA VAL A 486 -15.11 -6.92 17.75
C VAL A 486 -14.09 -5.99 18.41
N ILE A 487 -14.49 -5.41 19.51
CA ILE A 487 -13.67 -4.43 20.22
C ILE A 487 -13.86 -4.54 21.74
N SER A 488 -12.99 -3.85 22.47
CA SER A 488 -13.13 -3.76 23.89
C SER A 488 -14.20 -2.76 24.28
N SER A 489 -14.84 -3.04 25.41
CA SER A 489 -15.82 -2.16 25.99
C SER A 489 -15.53 -2.15 27.50
N PRO A 490 -15.62 -0.97 28.13
CA PRO A 490 -15.31 -0.85 29.56
C PRO A 490 -16.37 -1.52 30.42
N ASP A 491 -15.91 -2.12 31.52
CA ASP A 491 -16.78 -2.84 32.43
C ASP A 491 -16.50 -2.46 33.90
N PRO A 492 -17.53 -1.94 34.62
CA PRO A 492 -17.61 -2.01 36.09
C PRO A 492 -17.39 -3.47 36.52
N VAL A 493 -16.31 -3.64 37.27
CA VAL A 493 -15.16 -4.39 36.75
C VAL A 493 -15.20 -5.86 36.30
N ARG A 494 -14.86 -6.00 35.02
CA ARG A 494 -13.93 -7.01 34.52
C ARG A 494 -12.80 -6.23 33.81
N GLY A 495 -12.78 -4.91 34.03
CA GLY A 495 -11.86 -4.00 33.38
C GLY A 495 -12.46 -3.64 32.04
N GLU A 496 -12.35 -4.58 31.11
CA GLU A 496 -13.07 -4.49 29.87
C GLU A 496 -13.62 -5.84 29.46
N VAL A 497 -14.59 -5.79 28.55
CA VAL A 497 -15.19 -7.00 28.02
C VAL A 497 -15.13 -6.97 26.49
N VAL A 498 -15.28 -8.16 25.88
CA VAL A 498 -15.45 -8.33 24.43
C VAL A 498 -16.86 -7.85 24.00
N LYS A 499 -16.90 -6.92 23.02
CA LYS A 499 -18.15 -6.45 22.44
C LYS A 499 -18.07 -6.63 20.92
N ALA A 500 -19.16 -7.14 20.32
CA ALA A 500 -19.32 -7.25 18.88
C ALA A 500 -20.37 -6.24 18.37
N PHE A 501 -19.97 -5.50 17.34
CA PHE A 501 -20.88 -4.72 16.47
C PHE A 501 -21.22 -5.64 15.30
N VAL A 502 -22.52 -5.88 15.08
CA VAL A 502 -22.97 -6.82 14.05
C VAL A 502 -23.95 -6.13 13.09
N VAL A 503 -23.64 -6.27 11.80
CA VAL A 503 -24.55 -5.86 10.72
C VAL A 503 -25.32 -7.12 10.35
N LEU A 504 -26.63 -7.11 10.53
CA LEU A 504 -27.49 -8.28 10.24
C LEU A 504 -27.91 -8.38 8.77
N ALA A 505 -28.04 -9.62 8.32
CA ALA A 505 -28.78 -9.96 7.10
C ALA A 505 -30.20 -9.45 7.27
N SER A 506 -30.77 -9.01 6.16
CA SER A 506 -32.09 -8.37 6.17
CA SER A 506 -32.07 -8.36 6.19
C SER A 506 -33.15 -9.21 6.85
N GLN A 507 -33.12 -10.53 6.58
CA GLN A 507 -34.14 -11.45 7.12
C GLN A 507 -34.13 -11.61 8.65
N PHE A 508 -33.02 -11.22 9.27
CA PHE A 508 -32.89 -11.28 10.71
C PHE A 508 -33.29 -9.98 11.46
N LEU A 509 -33.54 -8.92 10.70
CA LEU A 509 -33.91 -7.65 11.32
C LEU A 509 -35.24 -7.77 12.09
N SER A 510 -36.07 -8.70 11.63
CA SER A 510 -37.35 -8.99 12.25
C SER A 510 -37.23 -9.82 13.52
N HIS A 511 -36.10 -10.49 13.75
CA HIS A 511 -36.02 -11.36 14.93
C HIS A 511 -35.90 -10.52 16.22
N ASP A 512 -36.31 -11.12 17.35
CA ASP A 512 -36.12 -10.51 18.66
C ASP A 512 -34.63 -10.33 18.95
N PRO A 513 -34.20 -9.09 19.25
CA PRO A 513 -32.73 -8.92 19.29
C PRO A 513 -32.09 -9.51 20.52
N GLU A 514 -32.83 -9.58 21.63
CA GLU A 514 -32.30 -10.18 22.86
C GLU A 514 -32.09 -11.66 22.63
N GLN A 515 -33.06 -12.27 21.96
CA GLN A 515 -32.96 -13.70 21.64
C GLN A 515 -31.84 -13.97 20.63
N LEU A 516 -31.76 -13.13 19.61
CA LEU A 516 -30.73 -13.31 18.62
C LEU A 516 -29.33 -13.11 19.23
N THR A 517 -29.21 -12.14 20.15
CA THR A 517 -27.97 -11.89 20.86
C THR A 517 -27.48 -13.14 21.60
N LYS A 518 -28.40 -13.79 22.33
CA LYS A 518 -28.05 -15.02 23.07
C LYS A 518 -27.63 -16.13 22.12
N GLU A 519 -28.31 -16.20 20.99
CA GLU A 519 -28.02 -17.21 19.97
CA GLU A 519 -28.02 -17.21 19.97
C GLU A 519 -26.62 -17.01 19.40
N LEU A 520 -26.24 -15.75 19.16
CA LEU A 520 -24.91 -15.46 18.59
C LEU A 520 -23.81 -15.73 19.65
N GLN A 521 -24.10 -15.37 20.89
CA GLN A 521 -23.19 -15.61 22.02
C GLN A 521 -22.92 -17.12 22.13
N GLN A 522 -24.00 -17.90 22.22
CA GLN A 522 -23.90 -19.37 22.33
C GLN A 522 -23.11 -19.90 21.15
N HIS A 523 -23.40 -19.39 19.94
CA HIS A 523 -22.66 -19.81 18.76
C HIS A 523 -21.17 -19.60 18.92
N VAL A 524 -20.74 -18.43 19.38
CA VAL A 524 -19.31 -18.18 19.54
C VAL A 524 -18.72 -19.11 20.61
N LYS A 525 -19.41 -19.24 21.75
CA LYS A 525 -19.02 -20.16 22.83
C LYS A 525 -18.84 -21.61 22.32
N SER A 526 -19.60 -21.98 21.29
CA SER A 526 -19.49 -23.32 20.70
C SER A 526 -18.22 -23.58 19.86
N VAL A 527 -17.59 -22.54 19.32
CA VAL A 527 -16.45 -22.71 18.40
C VAL A 527 -15.11 -22.09 18.85
N THR A 528 -15.12 -21.37 19.97
CA THR A 528 -13.92 -20.70 20.47
C THR A 528 -13.84 -20.93 21.98
N ALA A 529 -12.69 -20.65 22.58
CA ALA A 529 -12.57 -20.67 24.03
C ALA A 529 -13.68 -19.77 24.57
N PRO A 530 -14.57 -20.32 25.41
CA PRO A 530 -15.68 -19.49 25.86
C PRO A 530 -15.34 -18.22 26.66
N TYR A 531 -14.08 -17.99 27.03
CA TYR A 531 -13.72 -16.67 27.60
C TYR A 531 -13.65 -15.57 26.53
N LYS A 532 -13.72 -16.00 25.28
CA LYS A 532 -13.60 -15.09 24.13
C LYS A 532 -14.94 -14.53 23.63
N TYR A 533 -16.06 -15.05 24.15
CA TYR A 533 -17.36 -14.74 23.55
C TYR A 533 -17.70 -13.27 23.81
N PRO A 534 -18.41 -12.62 22.84
CA PRO A 534 -18.86 -11.25 23.03
C PRO A 534 -19.94 -11.08 24.11
N ARG A 535 -19.60 -10.51 25.26
CA ARG A 535 -20.57 -10.35 26.37
C ARG A 535 -21.56 -9.23 26.05
N LYS A 536 -21.17 -8.36 25.13
CA LYS A 536 -22.02 -7.35 24.58
C LYS A 536 -22.10 -7.53 23.05
N ILE A 537 -23.33 -7.42 22.53
CA ILE A 537 -23.57 -7.32 21.10
C ILE A 537 -24.48 -6.12 20.81
N GLU A 538 -24.02 -5.23 19.92
CA GLU A 538 -24.84 -4.16 19.40
C GLU A 538 -25.06 -4.33 17.90
N PHE A 539 -26.34 -4.34 17.49
CA PHE A 539 -26.68 -4.41 16.08
C PHE A 539 -26.62 -3.03 15.46
N VAL A 540 -25.99 -2.95 14.30
CA VAL A 540 -25.77 -1.65 13.61
C VAL A 540 -25.99 -1.86 12.10
N LEU A 541 -26.21 -0.78 11.35
CA LEU A 541 -26.55 -0.86 9.92
C LEU A 541 -25.31 -0.78 9.01
N ASN A 542 -24.23 -0.21 9.54
CA ASN A 542 -22.94 -0.21 8.86
C ASN A 542 -21.80 -0.10 9.88
N LEU A 543 -20.61 -0.46 9.42
CA LEU A 543 -19.35 -0.26 10.16
C LEU A 543 -18.51 0.85 9.52
N PRO A 544 -17.76 1.62 10.36
CA PRO A 544 -16.91 2.68 9.81
C PRO A 544 -15.70 2.06 9.10
N LYS A 545 -15.38 2.53 7.89
CA LYS A 545 -14.24 1.95 7.12
C LYS A 545 -13.42 3.02 6.52
N THR A 546 -12.16 2.70 6.25
CA THR A 546 -11.32 3.61 5.44
C THR A 546 -11.77 3.55 3.98
N VAL A 547 -11.22 4.43 3.16
CA VAL A 547 -11.53 4.42 1.71
C VAL A 547 -11.18 3.08 1.05
N THR A 548 -10.20 2.36 1.59
CA THR A 548 -9.87 1.06 1.06
C THR A 548 -10.76 -0.07 1.60
N GLY A 549 -11.63 0.24 2.57
CA GLY A 549 -12.57 -0.72 3.11
C GLY A 549 -12.07 -1.39 4.36
N LYS A 550 -11.03 -0.84 4.99
CA LYS A 550 -10.54 -1.42 6.25
C LYS A 550 -11.40 -0.95 7.43
N ILE A 551 -11.81 -1.87 8.29
CA ILE A 551 -12.68 -1.50 9.40
C ILE A 551 -11.89 -0.70 10.42
N GLN A 552 -12.46 0.43 10.82
CA GLN A 552 -11.85 1.28 11.80
C GLN A 552 -12.23 0.90 13.22
N ARG A 553 -11.60 -0.15 13.71
CA ARG A 553 -11.93 -0.62 15.07
C ARG A 553 -11.65 0.47 16.12
N ALA A 554 -10.60 1.26 15.93
CA ALA A 554 -10.28 2.40 16.82
C ALA A 554 -11.40 3.40 17.01
N LYS A 555 -12.05 3.75 15.90
CA LYS A 555 -13.18 4.66 15.89
C LYS A 555 -14.28 4.10 16.76
N LEU A 556 -14.58 2.80 16.60
CA LEU A 556 -15.61 2.14 17.42
C LEU A 556 -15.21 2.09 18.92
N ARG A 557 -13.96 1.71 19.20
CA ARG A 557 -13.42 1.62 20.55
C ARG A 557 -13.48 3.00 21.22
N ASP A 558 -13.05 4.02 20.50
CA ASP A 558 -13.00 5.37 21.07
C ASP A 558 -14.40 5.78 21.55
N LYS A 559 -15.41 5.57 20.71
CA LYS A 559 -16.78 5.98 21.05
C LYS A 559 -17.39 5.13 22.17
N GLU A 560 -17.09 3.84 22.13
CA GLU A 560 -17.49 2.90 23.16
C GLU A 560 -16.95 3.33 24.55
N TRP A 561 -15.73 3.85 24.57
CA TRP A 561 -15.09 4.27 25.82
C TRP A 561 -15.35 5.75 26.15
N LYS A 562 -16.25 6.39 25.40
CA LYS A 562 -16.47 7.85 25.45
C LYS A 562 -15.24 8.58 24.93
MG MG B . -22.63 -15.15 7.82
MG MG C . -0.42 2.27 10.36
CL CL D . -12.30 -2.80 -15.03
CL CL E . -6.88 -14.49 1.65
C1 UNL F . 2.42 -0.72 2.95
C2 UNL G . 5.19 -3.11 -0.55
C3 UNL H . 3.67 -2.11 1.90
C4 UNL I . 0.64 -2.65 3.41
PG ATP J . -3.05 3.90 9.78
O1G ATP J . -1.54 3.81 9.90
O2G ATP J . -3.78 3.47 11.05
O3G ATP J . -3.54 5.29 9.43
PB ATP J . -2.70 1.54 8.18
O1B ATP J . -1.83 1.16 9.35
O2B ATP J . -3.79 0.55 7.83
O3B ATP J . -3.44 2.93 8.54
PA ATP J . -0.83 0.97 5.97
O1A ATP J . 0.58 1.56 6.27
O2A ATP J . -1.59 1.24 4.71
O3A ATP J . -1.73 1.98 6.91
O5' ATP J . -1.06 -0.59 6.41
C5' ATP J . -0.03 -1.28 7.13
C4' ATP J . -0.64 -2.39 7.99
O4' ATP J . -1.35 -3.39 7.24
C3' ATP J . 0.40 -3.17 8.83
O3' ATP J . 0.95 -2.45 9.94
C2' ATP J . -0.45 -4.39 9.19
O2' ATP J . -1.39 -4.13 10.27
C1' ATP J . -1.28 -4.66 7.90
N9 ATP J . -0.62 -5.58 6.97
C8 ATP J . 0.22 -5.33 5.95
N7 ATP J . 0.66 -6.47 5.34
C5 ATP J . 0.12 -7.50 6.09
C6 ATP J . 0.11 -8.96 6.05
N6 ATP J . 0.84 -9.60 5.12
N1 ATP J . -0.60 -9.62 6.99
C2 ATP J . -1.34 -9.01 7.93
N3 ATP J . -1.44 -7.65 8.02
C4 ATP J . -0.73 -6.90 7.15
C TRS K . 5.70 7.19 -26.77
C1 TRS K . 5.81 6.46 -28.12
C2 TRS K . 7.10 7.31 -26.18
C3 TRS K . 4.67 6.49 -25.85
N TRS K . 5.18 8.55 -26.98
O1 TRS K . 6.18 5.11 -27.94
O2 TRS K . 7.47 8.67 -25.92
O3 TRS K . 3.49 6.10 -26.56
C1 GOL L . -4.38 8.12 -23.33
O1 GOL L . -3.74 8.47 -24.54
C2 GOL L . -3.36 8.14 -22.19
O2 GOL L . -2.79 9.43 -22.07
C3 GOL L . -3.98 7.75 -20.84
O3 GOL L . -5.32 8.21 -20.68
#